data_6BWW
#
_entry.id   6BWW
#
_cell.length_a   93.185
_cell.length_b   93.185
_cell.length_c   151.092
_cell.angle_alpha   90.000
_cell.angle_beta   90.000
_cell.angle_gamma   120.000
#
_symmetry.space_group_name_H-M   'P 31 2 1'
#
loop_
_entity.id
_entity.type
_entity.pdbx_description
1 polymer 'Cytochrome P450 2B4'
2 non-polymer 'PROTOPORPHYRIN IX CONTAINING FE'
3 non-polymer 5-CYCLOHEXYL-1-PENTYL-BETA-D-MALTOSIDE
4 non-polymer 'ACETATE ION'
5 non-polymer GLYCEROL
6 water water
#
_entity_poly.entity_id   1
_entity_poly.type   'polypeptide(L)'
_entity_poly.pdbx_seq_one_letter_code
;MAKKTSSKGKLPPGPSPLPVLGNLLQMDRKGLLRSFLRLREKYGDVFTVYLGSRPVVVLCGTDAIREALVDQAEAFSGRG
KIAVVDPIFQGYGVIFANGERWRALRRFSLATMRDFGMGKRSVEERIQEEARCLVEELRKSKGALLDNTLLFHSITSNII
CSIVFGKRFDYKDPVFLRLLDLFFQSFSLISSFSSQVFELFPGFLKYFPGTHRQIYRNLQEINTFIGQSVEKHRATLDPS
NPRDFIDVYLLRMEKDKSDPSSEFHHQNLILTVLSLFFAGTETTSTTLRYGFLLMLKYPHVTERVQKEIEQVIGSHRPPA
LDDRAKMPYTDAVIHEIQRLGDLIPFGVPHTVTKDTQFRGYVIPKNTEVFPVLSSALHDPRYFETPNTFNPGHFLDANGA
LKRNEGFMPHSLGKRICLGEGIARTELFLFFTTILQNFSIASPVPPEDIDLTPRESGVGNVPPSYQIRFLAR
;
_entity_poly.pdbx_strand_id   A
#
loop_
_chem_comp.id
_chem_comp.type
_chem_comp.name
_chem_comp.formula
ACT non-polymer 'ACETATE ION' 'C2 H3 O2 -1'
CM5 non-polymer 5-CYCLOHEXYL-1-PENTYL-BETA-D-MALTOSIDE 'C23 H42 O11'
GOL non-polymer GLYCEROL 'C3 H8 O3'
HEM non-polymer 'PROTOPORPHYRIN IX CONTAINING FE' 'C34 H32 Fe N4 O4'
#
# COMPACT_ATOMS: atom_id res chain seq x y z
N GLY A 9 32.95 5.11 11.87
CA GLY A 9 32.77 3.92 12.69
C GLY A 9 32.46 2.71 11.84
N LYS A 10 31.57 1.83 12.32
CA LYS A 10 31.25 0.66 11.51
C LYS A 10 29.77 0.39 11.39
N LEU A 11 29.46 -0.44 10.40
CA LEU A 11 28.08 -0.80 10.09
C LEU A 11 27.59 -1.84 11.08
N PRO A 12 26.25 -2.00 11.20
CA PRO A 12 25.73 -3.07 12.07
C PRO A 12 26.26 -4.46 11.70
N PRO A 13 26.30 -5.41 12.64
CA PRO A 13 26.85 -6.75 12.33
C PRO A 13 26.01 -7.51 11.32
N GLY A 14 26.56 -8.56 10.75
CA GLY A 14 25.87 -9.37 9.77
C GLY A 14 26.72 -10.47 9.18
N PRO A 15 26.11 -11.35 8.36
CA PRO A 15 26.88 -12.46 7.77
C PRO A 15 27.91 -11.98 6.78
N SER A 16 28.98 -12.78 6.64
CA SER A 16 30.07 -12.42 5.73
C SER A 16 29.65 -12.67 4.28
N PRO A 17 29.78 -11.59 3.48
CA PRO A 17 29.36 -11.63 2.08
C PRO A 17 30.40 -12.16 1.11
N LEU A 18 29.93 -12.40 -0.10
CA LEU A 18 30.73 -12.80 -1.22
C LEU A 18 30.86 -11.62 -2.14
N PRO A 19 31.89 -11.65 -3.01
CA PRO A 19 32.15 -10.50 -3.89
C PRO A 19 30.98 -9.98 -4.68
N VAL A 20 30.32 -10.84 -5.45
CA VAL A 20 29.24 -10.35 -6.30
C VAL A 20 27.87 -10.83 -5.87
N LEU A 21 27.80 -11.88 -5.06
CA LEU A 21 26.52 -12.40 -4.63
C LEU A 21 26.12 -11.94 -3.25
N GLY A 22 26.99 -11.21 -2.56
CA GLY A 22 26.71 -10.74 -1.22
C GLY A 22 26.41 -11.91 -0.31
N ASN A 23 25.22 -11.93 0.29
CA ASN A 23 24.84 -13.01 1.18
C ASN A 23 23.79 -13.91 0.59
N LEU A 24 23.56 -13.81 -0.72
CA LEU A 24 22.50 -14.56 -1.39
C LEU A 24 22.56 -16.05 -1.24
N LEU A 25 23.76 -16.62 -1.18
CA LEU A 25 23.87 -18.06 -0.99
C LEU A 25 23.49 -18.53 0.40
N GLN A 26 23.61 -17.63 1.38
CA GLN A 26 23.25 -17.90 2.77
C GLN A 26 21.75 -17.78 3.02
N MET A 27 20.99 -17.26 2.05
CA MET A 27 19.55 -17.07 2.22
C MET A 27 18.81 -18.38 2.32
N ASP A 28 17.60 -18.28 2.81
CA ASP A 28 16.72 -19.41 2.95
C ASP A 28 15.78 -19.35 1.75
N ARG A 29 15.54 -20.52 1.16
CA ARG A 29 14.65 -20.65 0.00
C ARG A 29 13.15 -20.49 0.32
N LYS A 30 12.79 -20.49 1.62
CA LYS A 30 11.44 -20.28 2.10
C LYS A 30 10.98 -18.83 1.96
N GLY A 31 11.92 -17.92 1.75
CA GLY A 31 11.60 -16.51 1.60
C GLY A 31 12.57 -15.63 2.35
N LEU A 32 12.55 -14.36 1.97
CA LEU A 32 13.41 -13.36 2.57
C LEU A 32 13.03 -13.15 4.03
N LEU A 33 11.72 -13.20 4.33
CA LEU A 33 11.25 -13.00 5.68
C LEU A 33 11.79 -14.05 6.64
N ARG A 34 11.75 -15.33 6.26
CA ARG A 34 12.33 -16.37 7.10
C ARG A 34 13.83 -16.15 7.32
N SER A 35 14.57 -15.73 6.29
CA SER A 35 16.00 -15.49 6.43
C SER A 35 16.29 -14.40 7.43
N PHE A 36 15.57 -13.25 7.35
CA PHE A 36 15.77 -12.15 8.28
C PHE A 36 15.45 -12.57 9.71
N LEU A 37 14.46 -13.44 9.90
CA LEU A 37 14.10 -13.95 11.23
C LEU A 37 15.24 -14.80 11.80
N ARG A 38 15.89 -15.63 10.95
CA ARG A 38 17.04 -16.43 11.38
C ARG A 38 18.23 -15.51 11.64
N LEU A 39 18.48 -14.52 10.74
CA LEU A 39 19.57 -13.56 10.91
C LEU A 39 19.37 -12.69 12.16
N ARG A 40 18.12 -12.40 12.54
CA ARG A 40 17.83 -11.62 13.74
C ARG A 40 18.26 -12.41 14.99
N GLU A 41 17.93 -13.71 15.04
CA GLU A 41 18.29 -14.59 16.16
C GLU A 41 19.79 -14.67 16.40
N LYS A 42 20.62 -14.47 15.35
CA LYS A 42 22.07 -14.52 15.46
C LYS A 42 22.70 -13.16 15.75
N TYR A 43 22.24 -12.09 15.06
CA TYR A 43 22.86 -10.76 15.18
C TYR A 43 22.09 -9.69 15.92
N GLY A 44 20.83 -9.94 16.23
CA GLY A 44 20.02 -8.95 16.92
C GLY A 44 19.06 -8.23 15.99
N ASP A 45 18.40 -7.21 16.51
CA ASP A 45 17.39 -6.46 15.75
C ASP A 45 17.88 -5.60 14.63
N VAL A 46 19.16 -5.26 14.59
CA VAL A 46 19.65 -4.44 13.51
C VAL A 46 20.89 -5.09 12.95
N PHE A 47 20.87 -5.38 11.65
CA PHE A 47 21.99 -6.06 11.02
C PHE A 47 22.16 -5.63 9.58
N THR A 48 23.33 -5.93 8.99
CA THR A 48 23.66 -5.59 7.61
C THR A 48 23.62 -6.85 6.76
N VAL A 49 23.08 -6.75 5.55
CA VAL A 49 23.00 -7.86 4.60
C VAL A 49 23.35 -7.30 3.23
N TYR A 50 24.00 -8.11 2.40
CA TYR A 50 24.37 -7.73 1.05
C TYR A 50 23.50 -8.48 0.09
N LEU A 51 22.64 -7.79 -0.64
CA LEU A 51 21.81 -8.45 -1.66
C LEU A 51 22.51 -8.10 -2.95
N GLY A 52 23.42 -8.98 -3.38
CA GLY A 52 24.30 -8.67 -4.50
C GLY A 52 25.44 -7.88 -3.91
N SER A 53 25.79 -6.75 -4.48
CA SER A 53 26.85 -5.91 -3.91
C SER A 53 26.25 -4.73 -3.13
N ARG A 54 24.94 -4.76 -2.96
CA ARG A 54 24.17 -3.72 -2.32
C ARG A 54 24.08 -3.93 -0.82
N PRO A 55 24.76 -3.09 0.00
CA PRO A 55 24.58 -3.19 1.46
C PRO A 55 23.20 -2.71 1.89
N VAL A 56 22.53 -3.45 2.78
CA VAL A 56 21.20 -3.10 3.30
C VAL A 56 21.21 -3.24 4.82
N VAL A 57 20.82 -2.19 5.55
CA VAL A 57 20.69 -2.28 7.01
C VAL A 57 19.22 -2.69 7.27
N VAL A 58 19.02 -3.80 7.96
CA VAL A 58 17.69 -4.34 8.25
C VAL A 58 17.29 -4.00 9.69
N LEU A 59 16.10 -3.40 9.87
CA LEU A 59 15.56 -3.06 11.18
C LEU A 59 14.44 -4.03 11.53
N CYS A 60 14.64 -4.83 12.58
CA CYS A 60 13.65 -5.82 13.10
C CYS A 60 13.13 -5.38 14.45
N GLY A 61 11.88 -5.65 14.68
CA GLY A 61 11.24 -5.35 15.94
C GLY A 61 10.78 -3.92 16.00
N THR A 62 9.72 -3.71 16.75
CA THR A 62 9.11 -2.42 16.99
C THR A 62 10.13 -1.38 17.44
N ASP A 63 11.06 -1.74 18.38
CA ASP A 63 12.03 -0.79 18.94
C ASP A 63 12.97 -0.25 17.93
N ALA A 64 13.68 -1.13 17.23
CA ALA A 64 14.63 -0.68 16.24
C ALA A 64 13.94 0.17 15.17
N ILE A 65 12.73 -0.23 14.73
CA ILE A 65 12.00 0.53 13.71
C ILE A 65 11.59 1.91 14.24
N ARG A 66 11.01 1.97 15.43
CA ARG A 66 10.61 3.25 16.04
CA ARG A 66 10.59 3.23 16.04
C ARG A 66 11.82 4.12 16.33
N GLU A 67 12.92 3.54 16.80
CA GLU A 67 14.11 4.36 17.06
C GLU A 67 14.61 5.05 15.81
N ALA A 68 14.59 4.32 14.69
CA ALA A 68 15.07 4.87 13.44
C ALA A 68 14.09 5.83 12.83
N LEU A 69 12.89 5.33 12.50
CA LEU A 69 11.91 6.13 11.77
C LEU A 69 11.28 7.24 12.54
N VAL A 70 11.17 7.12 13.87
CA VAL A 70 10.55 8.16 14.68
C VAL A 70 11.61 9.02 15.34
N ASP A 71 12.46 8.39 16.17
CA ASP A 71 13.47 9.14 16.93
C ASP A 71 14.48 9.87 16.08
N GLN A 72 14.90 9.29 14.93
CA GLN A 72 15.78 10.01 14.01
C GLN A 72 15.08 10.12 12.68
N ALA A 73 13.86 10.67 12.74
CA ALA A 73 12.97 10.82 11.61
C ALA A 73 13.61 11.39 10.37
N GLU A 74 14.28 12.54 10.50
CA GLU A 74 14.91 13.20 9.36
C GLU A 74 16.03 12.35 8.76
N ALA A 75 16.89 11.78 9.59
CA ALA A 75 18.00 10.95 9.11
C ALA A 75 17.52 9.71 8.32
N PHE A 76 16.41 9.09 8.72
CA PHE A 76 15.86 7.91 8.06
C PHE A 76 14.73 8.23 7.08
N SER A 77 14.62 9.50 6.62
CA SER A 77 13.54 9.88 5.73
C SER A 77 13.84 9.70 4.24
N GLY A 78 14.97 9.09 3.91
CA GLY A 78 15.33 8.86 2.52
C GLY A 78 14.54 7.71 1.90
N ARG A 79 14.41 7.69 0.56
CA ARG A 79 13.74 6.62 -0.19
C ARG A 79 14.75 5.88 -1.04
N GLY A 80 14.77 4.55 -0.93
CA GLY A 80 15.65 3.70 -1.71
C GLY A 80 15.06 3.38 -3.08
N LYS A 81 15.91 3.02 -4.03
CA LYS A 81 15.47 2.70 -5.39
C LYS A 81 14.89 1.31 -5.54
N ILE A 82 13.86 1.19 -6.39
CA ILE A 82 13.26 -0.06 -6.84
C ILE A 82 13.70 -0.08 -8.33
N ALA A 83 14.73 -0.89 -8.63
CA ALA A 83 15.35 -0.97 -9.96
C ALA A 83 14.41 -1.26 -11.15
N VAL A 84 13.44 -2.17 -11.01
CA VAL A 84 12.55 -2.51 -12.13
C VAL A 84 11.72 -1.31 -12.60
N VAL A 85 11.41 -0.38 -11.67
CA VAL A 85 10.60 0.80 -12.02
C VAL A 85 11.40 2.07 -12.08
N ASP A 86 12.69 2.05 -11.69
CA ASP A 86 13.49 3.28 -11.74
C ASP A 86 13.59 3.89 -13.14
N PRO A 87 13.66 3.08 -14.23
CA PRO A 87 13.66 3.69 -15.58
C PRO A 87 12.42 4.52 -15.91
N ILE A 88 11.27 4.25 -15.26
CA ILE A 88 10.05 5.03 -15.46
C ILE A 88 10.05 6.24 -14.56
N PHE A 89 10.20 6.01 -13.25
CA PHE A 89 10.09 7.09 -12.28
C PHE A 89 11.24 8.03 -12.26
N GLN A 90 12.45 7.52 -12.29
CA GLN A 90 13.67 8.34 -12.28
C GLN A 90 13.67 9.38 -11.15
N GLY A 91 13.33 8.96 -9.94
CA GLY A 91 13.31 9.85 -8.79
C GLY A 91 12.27 10.96 -8.82
N TYR A 92 11.24 10.86 -9.68
CA TYR A 92 10.15 11.83 -9.76
C TYR A 92 8.96 11.19 -9.11
N GLY A 93 8.00 12.01 -8.68
CA GLY A 93 6.82 11.52 -8.02
C GLY A 93 7.04 11.45 -6.53
N VAL A 94 5.96 11.40 -5.78
CA VAL A 94 6.04 11.44 -4.32
C VAL A 94 6.72 10.23 -3.67
N ILE A 95 6.42 9.01 -4.11
CA ILE A 95 7.02 7.81 -3.53
CA ILE A 95 6.95 7.84 -3.44
C ILE A 95 8.49 7.72 -3.77
N PHE A 96 8.96 8.01 -5.00
CA PHE A 96 10.39 7.84 -5.27
C PHE A 96 11.28 9.06 -5.18
N ALA A 97 10.73 10.23 -4.88
CA ALA A 97 11.56 11.41 -4.78
C ALA A 97 12.30 11.42 -3.46
N ASN A 98 13.35 12.24 -3.43
CA ASN A 98 14.16 12.49 -2.26
C ASN A 98 14.40 13.97 -2.18
N GLY A 99 14.90 14.38 -1.03
CA GLY A 99 15.28 15.74 -0.76
C GLY A 99 14.19 16.76 -0.90
N GLU A 100 14.55 17.93 -1.42
CA GLU A 100 13.63 19.05 -1.58
C GLU A 100 12.49 18.76 -2.52
N ARG A 101 12.74 17.97 -3.57
CA ARG A 101 11.68 17.57 -4.47
C ARG A 101 10.59 16.78 -3.70
N TRP A 102 11.01 15.84 -2.87
CA TRP A 102 10.07 15.07 -2.05
C TRP A 102 9.26 15.98 -1.12
N ARG A 103 9.95 16.87 -0.37
CA ARG A 103 9.28 17.77 0.57
C ARG A 103 8.26 18.61 -0.08
N ALA A 104 8.58 19.18 -1.25
CA ALA A 104 7.61 20.02 -1.95
C ALA A 104 6.44 19.19 -2.47
N LEU A 105 6.72 18.02 -3.06
CA LEU A 105 5.63 17.19 -3.60
C LEU A 105 4.74 16.65 -2.49
N ARG A 106 5.34 16.18 -1.39
CA ARG A 106 4.55 15.66 -0.26
C ARG A 106 3.69 16.72 0.38
N ARG A 107 4.23 17.93 0.58
CA ARG A 107 3.46 19.05 1.16
C ARG A 107 2.28 19.37 0.30
N PHE A 108 2.55 19.53 -1.00
CA PHE A 108 1.50 19.86 -1.95
C PHE A 108 0.45 18.76 -2.01
N SER A 109 0.87 17.50 -2.05
CA SER A 109 -0.08 16.36 -2.16
C SER A 109 -0.97 16.24 -0.94
N LEU A 110 -0.36 16.39 0.24
CA LEU A 110 -1.08 16.33 1.50
C LEU A 110 -2.16 17.35 1.51
N ALA A 111 -1.79 18.60 1.28
CA ALA A 111 -2.72 19.72 1.28
C ALA A 111 -3.82 19.53 0.25
N THR A 112 -3.47 19.22 -0.97
CA THR A 112 -4.46 19.04 -2.02
C THR A 112 -5.47 17.93 -1.70
N MET A 113 -4.98 16.75 -1.28
CA MET A 113 -5.88 15.63 -0.97
C MET A 113 -6.62 15.85 0.34
N ARG A 114 -6.09 16.72 1.19
CA ARG A 114 -6.66 17.00 2.50
C ARG A 114 -7.52 18.22 2.53
N ASP A 115 -6.93 19.36 2.19
CA ASP A 115 -7.52 20.69 2.23
C ASP A 115 -8.13 21.10 0.91
N PHE A 116 -8.75 20.14 0.23
CA PHE A 116 -9.41 20.36 -1.04
C PHE A 116 -10.53 21.40 -0.81
N MET A 118 -8.88 19.40 -5.34
CA MET A 118 -10.08 20.04 -4.85
C MET A 118 -11.28 19.32 -5.41
N GLY A 119 -12.34 20.03 -5.63
CA GLY A 119 -13.54 19.45 -6.19
C GLY A 119 -14.69 19.82 -5.30
N LYS A 120 -15.78 19.20 -5.56
CA LYS A 120 -17.00 19.42 -4.80
C LYS A 120 -16.99 18.57 -3.54
N ARG A 121 -17.30 17.29 -3.72
CA ARG A 121 -17.47 16.32 -2.67
C ARG A 121 -16.18 15.88 -2.04
N SER A 122 -16.28 15.47 -0.78
CA SER A 122 -15.14 15.00 -0.02
C SER A 122 -14.71 13.60 -0.47
N VAL A 123 -13.57 13.15 0.04
CA VAL A 123 -13.07 11.81 -0.23
C VAL A 123 -14.04 10.80 0.33
N GLU A 124 -14.55 11.06 1.54
CA GLU A 124 -15.52 10.17 2.14
C GLU A 124 -16.74 10.01 1.26
N GLU A 125 -17.27 11.13 0.74
CA GLU A 125 -18.46 11.08 -0.12
C GLU A 125 -18.18 10.32 -1.40
N ARG A 126 -16.99 10.47 -1.95
CA ARG A 126 -16.60 9.71 -3.13
C ARG A 126 -16.53 8.20 -2.82
N ILE A 127 -16.03 7.83 -1.63
CA ILE A 127 -15.94 6.42 -1.23
C ILE A 127 -17.32 5.86 -1.01
N GLN A 128 -18.23 6.64 -0.38
CA GLN A 128 -19.60 6.20 -0.19
C GLN A 128 -20.31 5.99 -1.51
N GLU A 129 -20.05 6.86 -2.49
CA GLU A 129 -20.67 6.69 -3.80
C GLU A 129 -20.08 5.46 -4.48
N GLU A 130 -18.75 5.24 -4.36
CA GLU A 130 -18.14 4.04 -4.95
C GLU A 130 -18.73 2.78 -4.31
N ALA A 131 -18.97 2.82 -2.99
CA ALA A 131 -19.54 1.67 -2.27
C ALA A 131 -20.99 1.41 -2.73
N ARG A 132 -21.74 2.47 -3.01
CA ARG A 132 -23.11 2.32 -3.53
C ARG A 132 -23.06 1.67 -4.92
N CYS A 133 -22.12 2.12 -5.78
CA CYS A 133 -21.97 1.52 -7.12
C CYS A 133 -21.58 0.05 -6.98
N LEU A 134 -20.69 -0.26 -6.01
CA LEU A 134 -20.24 -1.63 -5.78
C LEU A 134 -21.39 -2.52 -5.38
N VAL A 135 -22.26 -2.05 -4.47
CA VAL A 135 -23.41 -2.83 -4.03
C VAL A 135 -24.32 -3.16 -5.21
N GLU A 136 -24.57 -2.18 -6.09
CA GLU A 136 -25.44 -2.39 -7.25
C GLU A 136 -24.84 -3.42 -8.18
N GLU A 137 -23.52 -3.39 -8.38
CA GLU A 137 -22.82 -4.36 -9.24
C GLU A 137 -22.89 -5.78 -8.64
N LEU A 138 -22.68 -5.91 -7.31
CA LEU A 138 -22.79 -7.21 -6.64
C LEU A 138 -24.21 -7.72 -6.64
N ARG A 139 -25.22 -6.85 -6.54
CA ARG A 139 -26.61 -7.33 -6.63
C ARG A 139 -26.87 -8.00 -7.98
N LYS A 140 -26.37 -7.40 -9.06
CA LYS A 140 -26.50 -7.94 -10.40
C LYS A 140 -25.90 -9.31 -10.56
N SER A 141 -24.92 -9.66 -9.72
CA SER A 141 -24.32 -10.98 -9.78
C SER A 141 -25.25 -12.10 -9.33
N LYS A 142 -26.28 -11.77 -8.54
CA LYS A 142 -27.27 -12.72 -8.06
C LYS A 142 -26.74 -13.95 -7.32
N GLY A 143 -25.70 -13.76 -6.54
CA GLY A 143 -25.14 -14.85 -5.75
C GLY A 143 -24.24 -15.80 -6.50
N ALA A 144 -23.91 -15.51 -7.78
CA ALA A 144 -23.01 -16.37 -8.54
C ALA A 144 -21.63 -16.36 -7.93
N LEU A 145 -20.85 -17.45 -8.15
CA LEU A 145 -19.46 -17.52 -7.70
C LEU A 145 -18.66 -16.48 -8.46
N LEU A 146 -17.83 -15.71 -7.73
CA LEU A 146 -16.98 -14.66 -8.29
C LEU A 146 -15.60 -14.79 -7.76
N ASP A 147 -14.65 -14.25 -8.49
CA ASP A 147 -13.29 -14.02 -8.03
C ASP A 147 -13.36 -12.48 -7.85
N ASN A 148 -13.31 -11.97 -6.58
CA ASN A 148 -13.47 -10.52 -6.31
C ASN A 148 -12.25 -9.65 -6.65
N THR A 149 -11.16 -10.22 -7.19
CA THR A 149 -9.94 -9.48 -7.52
C THR A 149 -10.18 -8.26 -8.42
N LEU A 150 -10.87 -8.47 -9.55
CA LEU A 150 -11.17 -7.42 -10.51
C LEU A 150 -11.99 -6.30 -9.90
N LEU A 151 -13.09 -6.63 -9.23
CA LEU A 151 -13.93 -5.60 -8.61
C LEU A 151 -13.19 -4.81 -7.56
N PHE A 152 -12.37 -5.45 -6.73
CA PHE A 152 -11.63 -4.75 -5.67
C PHE A 152 -10.51 -3.90 -6.27
N HIS A 153 -9.93 -4.33 -7.39
CA HIS A 153 -8.98 -3.49 -8.13
C HIS A 153 -9.71 -2.25 -8.71
N SER A 154 -10.93 -2.45 -9.17
CA SER A 154 -11.73 -1.41 -9.81
C SER A 154 -12.18 -0.34 -8.83
N ILE A 155 -12.69 -0.74 -7.66
CA ILE A 155 -13.17 0.26 -6.69
C ILE A 155 -12.03 1.13 -6.17
N THR A 156 -10.85 0.53 -5.89
CA THR A 156 -9.72 1.31 -5.34
C THR A 156 -9.15 2.22 -6.43
N SER A 157 -9.10 1.73 -7.69
CA SER A 157 -8.64 2.54 -8.83
C SER A 157 -9.58 3.70 -9.02
N ASN A 158 -10.89 3.46 -8.83
CA ASN A 158 -11.90 4.50 -8.99
C ASN A 158 -11.79 5.60 -7.97
N ILE A 159 -11.31 5.28 -6.75
CA ILE A 159 -11.11 6.31 -5.74
C ILE A 159 -9.98 7.21 -6.20
N ILE A 160 -8.87 6.63 -6.65
CA ILE A 160 -7.73 7.42 -7.15
C ILE A 160 -8.18 8.21 -8.39
N CYS A 161 -8.96 7.61 -9.29
CA CYS A 161 -9.47 8.32 -10.49
C CYS A 161 -10.24 9.56 -10.08
N SER A 162 -11.11 9.40 -9.09
CA SER A 162 -11.94 10.50 -8.58
C SER A 162 -11.08 11.65 -8.09
N ILE A 163 -10.00 11.32 -7.42
CA ILE A 163 -9.08 12.30 -6.87
C ILE A 163 -8.26 13.02 -7.94
N VAL A 164 -7.66 12.25 -8.88
CA VAL A 164 -6.73 12.79 -9.85
C VAL A 164 -7.40 13.27 -11.16
N PHE A 165 -8.44 12.55 -11.62
CA PHE A 165 -9.16 12.83 -12.87
C PHE A 165 -10.52 13.43 -12.69
N GLY A 166 -11.05 13.51 -11.47
CA GLY A 166 -12.36 14.10 -11.26
C GLY A 166 -13.53 13.26 -11.69
N LYS A 167 -13.33 11.96 -11.89
CA LYS A 167 -14.41 11.07 -12.25
C LYS A 167 -14.07 9.62 -11.95
N ARG A 168 -15.07 8.78 -12.01
CA ARG A 168 -14.98 7.34 -11.83
C ARG A 168 -15.36 6.70 -13.17
N PHE A 169 -15.11 5.39 -13.30
CA PHE A 169 -15.43 4.62 -14.50
C PHE A 169 -16.36 3.50 -14.17
N ASP A 170 -17.28 3.19 -15.10
CA ASP A 170 -18.21 2.06 -14.93
C ASP A 170 -17.39 0.78 -14.90
N TYR A 171 -17.79 -0.19 -14.07
CA TYR A 171 -17.02 -1.44 -13.91
C TYR A 171 -16.86 -2.23 -15.20
N LYS A 172 -17.76 -2.06 -16.15
CA LYS A 172 -17.71 -2.74 -17.44
C LYS A 172 -17.22 -1.85 -18.58
N ASP A 173 -16.68 -0.68 -18.29
CA ASP A 173 -16.12 0.20 -19.33
C ASP A 173 -14.90 -0.53 -19.93
N PRO A 174 -14.95 -0.97 -21.22
CA PRO A 174 -13.82 -1.78 -21.75
C PRO A 174 -12.49 -1.07 -21.88
N VAL A 175 -12.47 0.24 -22.11
CA VAL A 175 -11.22 0.98 -22.24
C VAL A 175 -10.60 1.13 -20.84
N PHE A 176 -11.43 1.45 -19.83
CA PHE A 176 -11.01 1.51 -18.41
C PHE A 176 -10.39 0.13 -18.06
N LEU A 177 -11.09 -0.98 -18.40
CA LEU A 177 -10.58 -2.32 -18.10
C LEU A 177 -9.30 -2.69 -18.84
N ARG A 178 -9.10 -2.21 -20.10
CA ARG A 178 -7.85 -2.51 -20.81
C ARG A 178 -6.66 -1.89 -20.08
N LEU A 179 -6.81 -0.62 -19.65
CA LEU A 179 -5.71 0.08 -18.98
C LEU A 179 -5.50 -0.43 -17.55
N LEU A 180 -6.59 -0.78 -16.88
CA LEU A 180 -6.56 -1.36 -15.54
C LEU A 180 -5.82 -2.70 -15.60
N ASP A 181 -6.15 -3.56 -16.58
CA ASP A 181 -5.48 -4.85 -16.77
C ASP A 181 -3.99 -4.64 -16.98
N LEU A 182 -3.66 -3.68 -17.81
CA LEU A 182 -2.28 -3.29 -18.10
C LEU A 182 -1.54 -2.86 -16.81
N PHE A 183 -2.21 -2.04 -16.01
CA PHE A 183 -1.66 -1.55 -14.76
C PHE A 183 -1.44 -2.72 -13.77
N PHE A 184 -2.46 -3.52 -13.54
CA PHE A 184 -2.34 -4.61 -12.57
C PHE A 184 -1.43 -5.75 -13.07
N GLN A 185 -1.28 -5.94 -14.41
CA GLN A 185 -0.32 -6.91 -14.94
CA GLN A 185 -0.33 -6.92 -14.91
C GLN A 185 1.08 -6.43 -14.56
N SER A 186 1.33 -5.11 -14.67
CA SER A 186 2.65 -4.54 -14.35
C SER A 186 2.96 -4.82 -12.87
N PHE A 187 1.93 -4.76 -12.03
CA PHE A 187 2.05 -5.06 -10.61
C PHE A 187 2.42 -6.52 -10.39
N SER A 188 1.70 -7.45 -11.04
CA SER A 188 2.04 -8.88 -10.96
C SER A 188 3.45 -9.16 -11.50
N LEU A 189 3.87 -8.42 -12.56
CA LEU A 189 5.21 -8.59 -13.13
C LEU A 189 6.29 -8.05 -12.18
N ILE A 190 6.14 -6.80 -11.68
CA ILE A 190 7.10 -6.16 -10.74
C ILE A 190 7.43 -7.08 -9.55
N SER A 191 6.44 -7.87 -9.12
CA SER A 191 6.56 -8.76 -7.98
C SER A 191 6.97 -10.20 -8.28
N SER A 192 7.12 -10.57 -9.56
CA SER A 192 7.48 -11.95 -9.91
C SER A 192 8.92 -12.25 -9.52
N PHE A 193 9.25 -13.54 -9.45
CA PHE A 193 10.61 -14.00 -9.15
C PHE A 193 11.61 -13.41 -10.15
N SER A 194 11.25 -13.33 -11.45
CA SER A 194 12.17 -12.77 -12.46
C SER A 194 12.47 -11.32 -12.19
N SER A 195 11.49 -10.57 -11.63
CA SER A 195 11.71 -9.16 -11.27
C SER A 195 12.54 -9.07 -9.99
N GLN A 196 12.38 -10.04 -9.08
CA GLN A 196 13.17 -10.08 -7.85
C GLN A 196 14.64 -10.25 -8.21
N VAL A 197 14.93 -11.12 -9.19
CA VAL A 197 16.30 -11.35 -9.68
C VAL A 197 16.85 -10.11 -10.35
N PHE A 198 16.00 -9.39 -11.08
CA PHE A 198 16.41 -8.17 -11.74
C PHE A 198 16.84 -7.13 -10.72
N GLU A 199 16.17 -7.10 -9.56
CA GLU A 199 16.50 -6.18 -8.47
C GLU A 199 17.89 -6.45 -7.87
N LEU A 200 18.32 -7.73 -7.87
CA LEU A 200 19.61 -8.14 -7.36
C LEU A 200 20.75 -7.87 -8.34
N PHE A 201 20.54 -8.13 -9.66
CA PHE A 201 21.56 -7.93 -10.73
C PHE A 201 21.02 -7.08 -11.91
N PRO A 202 20.62 -5.84 -11.56
CA PRO A 202 20.03 -4.92 -12.55
C PRO A 202 20.94 -4.41 -13.66
N GLY A 203 22.11 -3.92 -13.31
CA GLY A 203 23.09 -3.41 -14.28
C GLY A 203 23.44 -4.38 -15.39
N PHE A 204 23.34 -5.71 -15.12
CA PHE A 204 23.62 -6.76 -16.09
C PHE A 204 22.36 -7.17 -16.88
N LEU A 205 21.31 -7.54 -16.15
CA LEU A 205 20.04 -8.02 -16.72
C LEU A 205 19.24 -7.04 -17.54
N LYS A 206 19.57 -5.75 -17.47
CA LYS A 206 18.83 -4.74 -18.22
C LYS A 206 19.16 -4.69 -19.71
N TYR A 207 20.14 -5.50 -20.15
CA TYR A 207 20.57 -5.58 -21.54
C TYR A 207 19.94 -6.75 -22.28
N PHE A 208 19.18 -7.60 -21.56
CA PHE A 208 18.54 -8.76 -22.16
C PHE A 208 17.01 -8.69 -22.04
N PRO A 209 16.27 -9.48 -22.84
CA PRO A 209 14.81 -9.50 -22.67
C PRO A 209 14.44 -9.96 -21.26
N GLY A 210 13.27 -9.55 -20.80
CA GLY A 210 12.78 -9.92 -19.49
C GLY A 210 11.55 -9.14 -19.07
N THR A 211 11.08 -9.37 -17.85
CA THR A 211 9.89 -8.70 -17.30
C THR A 211 10.06 -7.20 -17.22
N HIS A 212 11.29 -6.72 -17.02
CA HIS A 212 11.62 -5.29 -16.92
C HIS A 212 11.17 -4.54 -18.18
N ARG A 213 11.25 -5.20 -19.37
CA ARG A 213 10.82 -4.59 -20.63
C ARG A 213 9.31 -4.51 -20.71
N GLN A 214 8.61 -5.54 -20.23
CA GLN A 214 7.15 -5.56 -20.22
C GLN A 214 6.61 -4.52 -19.22
N ILE A 215 7.28 -4.40 -18.06
CA ILE A 215 6.90 -3.41 -17.04
C ILE A 215 7.03 -2.02 -17.64
N TYR A 216 8.17 -1.74 -18.25
CA TYR A 216 8.47 -0.47 -18.89
C TYR A 216 7.47 -0.10 -19.97
N ARG A 217 7.14 -1.05 -20.86
CA ARG A 217 6.19 -0.79 -21.94
C ARG A 217 4.79 -0.50 -21.40
N ASN A 218 4.32 -1.27 -20.44
CA ASN A 218 2.99 -1.07 -19.88
C ASN A 218 2.85 0.28 -19.20
N LEU A 219 3.87 0.67 -18.39
CA LEU A 219 3.85 1.94 -17.66
C LEU A 219 4.02 3.14 -18.58
N GLN A 220 4.79 3.01 -19.68
CA GLN A 220 4.89 4.10 -20.65
C GLN A 220 3.52 4.31 -21.32
N GLU A 221 2.78 3.21 -21.51
CA GLU A 221 1.43 3.28 -22.08
C GLU A 221 0.51 4.02 -21.11
N ILE A 222 0.58 3.67 -19.81
CA ILE A 222 -0.23 4.35 -18.79
C ILE A 222 0.16 5.84 -18.73
N ASN A 223 1.46 6.14 -18.77
CA ASN A 223 1.97 7.51 -18.73
C ASN A 223 1.51 8.32 -19.92
N THR A 224 1.33 7.66 -21.07
CA THR A 224 0.82 8.31 -22.28
C THR A 224 -0.60 8.73 -22.02
N PHE A 225 -1.43 7.81 -21.50
CA PHE A 225 -2.82 8.12 -21.14
C PHE A 225 -2.88 9.25 -20.08
N ILE A 226 -2.02 9.20 -19.05
CA ILE A 226 -2.01 10.24 -18.03
C ILE A 226 -1.69 11.61 -18.69
N GLY A 227 -0.66 11.63 -19.54
CA GLY A 227 -0.29 12.82 -20.30
C GLY A 227 -1.43 13.40 -21.11
N GLN A 228 -2.21 12.54 -21.78
CA GLN A 228 -3.38 13.01 -22.57
C GLN A 228 -4.44 13.63 -21.67
N SER A 229 -4.66 13.03 -20.47
CA SER A 229 -5.61 13.58 -19.50
C SER A 229 -5.16 14.95 -19.01
N VAL A 230 -3.86 15.14 -18.74
CA VAL A 230 -3.29 16.41 -18.30
C VAL A 230 -3.56 17.50 -19.36
N GLU A 231 -3.28 17.19 -20.65
CA GLU A 231 -3.54 18.12 -21.76
C GLU A 231 -5.00 18.44 -21.87
N LYS A 232 -5.85 17.42 -21.70
CA LYS A 232 -7.29 17.61 -21.77
C LYS A 232 -7.80 18.46 -20.57
N HIS A 233 -7.20 18.29 -19.38
CA HIS A 233 -7.56 19.09 -18.20
C HIS A 233 -7.18 20.57 -18.47
N ARG A 234 -5.96 20.80 -18.97
CA ARG A 234 -5.47 22.13 -19.32
C ARG A 234 -6.34 22.84 -20.35
N ALA A 235 -6.84 22.11 -21.37
CA ALA A 235 -7.68 22.67 -22.41
C ALA A 235 -9.09 23.03 -21.94
N THR A 236 -9.58 22.41 -20.84
CA THR A 236 -10.94 22.61 -20.32
C THR A 236 -10.92 23.25 -18.89
N LEU A 237 -9.81 23.79 -18.48
CA LEU A 237 -9.56 24.35 -17.16
C LEU A 237 -10.38 25.60 -16.83
N ASP A 238 -10.89 25.62 -15.58
CA ASP A 238 -11.62 26.73 -14.95
C ASP A 238 -10.78 27.02 -13.70
N PRO A 239 -9.84 27.97 -13.74
CA PRO A 239 -8.95 28.19 -12.57
C PRO A 239 -9.64 28.55 -11.26
N SER A 240 -10.88 29.04 -11.32
CA SER A 240 -11.64 29.41 -10.13
C SER A 240 -12.42 28.20 -9.57
N ASN A 241 -12.38 27.02 -10.26
CA ASN A 241 -13.10 25.81 -9.85
C ASN A 241 -12.30 24.55 -10.22
N PRO A 242 -11.12 24.36 -9.62
CA PRO A 242 -10.32 23.16 -9.94
C PRO A 242 -11.08 21.90 -9.58
N ARG A 243 -11.07 20.93 -10.49
CA ARG A 243 -11.86 19.72 -10.35
C ARG A 243 -11.21 18.63 -9.54
N ASP A 244 -9.87 18.59 -9.51
CA ASP A 244 -9.16 17.45 -8.99
C ASP A 244 -7.72 17.79 -8.83
N PHE A 245 -6.90 16.79 -8.48
CA PHE A 245 -5.46 16.94 -8.29
C PHE A 245 -4.74 17.53 -9.50
N ILE A 246 -5.07 17.07 -10.73
CA ILE A 246 -4.40 17.58 -11.93
C ILE A 246 -4.66 19.10 -12.08
N ASP A 247 -5.91 19.56 -11.95
CA ASP A 247 -6.21 21.01 -12.06
C ASP A 247 -5.43 21.83 -11.04
N VAL A 248 -5.41 21.36 -9.77
CA VAL A 248 -4.67 22.05 -8.69
C VAL A 248 -3.19 22.08 -9.04
N TYR A 249 -2.65 21.01 -9.60
CA TYR A 249 -1.24 20.99 -9.97
C TYR A 249 -0.99 21.93 -11.15
N LEU A 250 -1.90 21.97 -12.13
CA LEU A 250 -1.72 22.85 -13.30
C LEU A 250 -1.65 24.34 -12.86
N LEU A 251 -2.46 24.72 -11.85
CA LEU A 251 -2.44 26.08 -11.30
C LEU A 251 -1.12 26.41 -10.61
N ARG A 252 -0.54 25.42 -9.91
CA ARG A 252 0.77 25.60 -9.26
C ARG A 252 1.89 25.69 -10.32
N MET A 253 1.76 25.01 -11.47
CA MET A 253 2.75 25.09 -12.55
C MET A 253 2.81 26.53 -13.06
N GLU A 254 1.63 27.13 -13.31
CA GLU A 254 1.47 28.50 -13.77
C GLU A 254 2.02 29.51 -12.73
N LYS A 255 1.77 29.27 -11.44
CA LYS A 255 2.27 30.14 -10.37
C LYS A 255 3.80 30.13 -10.26
N ASP A 256 4.43 28.97 -10.55
CA ASP A 256 5.88 28.80 -10.48
C ASP A 256 6.57 28.89 -11.83
N LYS A 257 5.88 29.43 -12.82
CA LYS A 257 6.37 29.56 -14.18
C LYS A 257 7.79 30.16 -14.27
N SER A 258 8.06 31.23 -13.51
CA SER A 258 9.39 31.87 -13.57
C SER A 258 10.44 31.16 -12.74
N ASP A 259 10.05 30.58 -11.61
CA ASP A 259 10.99 29.91 -10.72
C ASP A 259 11.60 28.66 -11.38
N PRO A 260 12.92 28.72 -11.68
CA PRO A 260 13.59 27.57 -12.33
C PRO A 260 14.04 26.49 -11.36
N SER A 261 13.88 26.74 -10.06
CA SER A 261 14.19 25.79 -9.01
C SER A 261 12.97 24.90 -8.77
N SER A 262 11.77 25.40 -9.18
CA SER A 262 10.50 24.72 -9.01
C SER A 262 10.47 23.30 -9.51
N GLU A 263 9.83 22.44 -8.73
CA GLU A 263 9.69 21.02 -9.04
C GLU A 263 8.38 20.80 -9.79
N PHE A 264 7.50 21.80 -9.80
CA PHE A 264 6.19 21.69 -10.39
C PHE A 264 6.23 21.78 -11.88
N HIS A 265 6.67 20.70 -12.51
CA HIS A 265 6.75 20.58 -13.95
C HIS A 265 5.97 19.34 -14.43
N HIS A 266 5.92 19.15 -15.74
CA HIS A 266 5.20 18.06 -16.38
C HIS A 266 5.62 16.67 -15.92
N GLN A 267 6.90 16.40 -15.85
CA GLN A 267 7.37 15.09 -15.44
C GLN A 267 6.94 14.74 -14.04
N ASN A 268 7.02 15.69 -13.11
CA ASN A 268 6.58 15.41 -11.76
C ASN A 268 5.09 15.24 -11.72
N LEU A 269 4.32 15.85 -12.64
CA LEU A 269 2.88 15.68 -12.62
C LEU A 269 2.50 14.26 -13.06
N ILE A 270 2.98 13.84 -14.21
CA ILE A 270 2.67 12.50 -14.76
C ILE A 270 3.04 11.40 -13.79
N LEU A 271 4.26 11.47 -13.30
CA LEU A 271 4.82 10.48 -12.42
C LEU A 271 4.27 10.55 -11.00
N THR A 272 3.74 11.71 -10.57
CA THR A 272 3.08 11.81 -9.26
C THR A 272 1.74 11.13 -9.41
N VAL A 273 1.01 11.38 -10.51
CA VAL A 273 -0.27 10.72 -10.76
C VAL A 273 -0.02 9.19 -10.82
N LEU A 274 0.95 8.73 -11.63
CA LEU A 274 1.26 7.30 -11.73
C LEU A 274 1.61 6.73 -10.34
N SER A 275 2.37 7.50 -9.54
CA SER A 275 2.75 7.13 -8.18
C SER A 275 1.55 6.90 -7.28
N LEU A 276 0.53 7.76 -7.36
CA LEU A 276 -0.68 7.60 -6.55
C LEU A 276 -1.42 6.32 -6.89
N PHE A 277 -1.46 5.93 -8.18
CA PHE A 277 -2.09 4.66 -8.57
C PHE A 277 -1.23 3.51 -8.01
N PHE A 278 0.09 3.61 -8.08
CA PHE A 278 0.98 2.56 -7.59
C PHE A 278 0.84 2.32 -6.10
N ALA A 279 0.83 3.39 -5.32
CA ALA A 279 0.72 3.29 -3.87
C ALA A 279 -0.70 3.12 -3.39
N GLY A 280 -1.67 3.70 -4.07
CA GLY A 280 -3.04 3.70 -3.59
C GLY A 280 -4.02 2.65 -4.05
N THR A 281 -3.63 1.70 -4.87
CA THR A 281 -4.61 0.73 -5.34
C THR A 281 -4.35 -0.68 -4.85
N GLU A 282 -3.24 -1.27 -5.21
CA GLU A 282 -2.99 -2.69 -4.91
C GLU A 282 -3.11 -3.09 -3.44
N THR A 283 -2.43 -2.38 -2.54
CA THR A 283 -2.45 -2.76 -1.12
C THR A 283 -3.84 -2.65 -0.57
N THR A 284 -4.58 -1.60 -0.90
CA THR A 284 -5.95 -1.47 -0.42
C THR A 284 -6.82 -2.61 -0.91
N SER A 285 -6.68 -2.96 -2.21
CA SER A 285 -7.48 -4.00 -2.83
C SER A 285 -7.20 -5.33 -2.19
N THR A 286 -5.93 -5.63 -2.04
CA THR A 286 -5.46 -6.89 -1.46
C THR A 286 -5.87 -6.99 0.00
N THR A 287 -5.85 -5.87 0.76
CA THR A 287 -6.33 -5.87 2.15
C THR A 287 -7.79 -6.28 2.16
N LEU A 288 -8.59 -5.72 1.24
CA LEU A 288 -9.99 -6.08 1.12
C LEU A 288 -10.14 -7.56 0.73
N ARG A 289 -9.36 -8.03 -0.22
CA ARG A 289 -9.41 -9.41 -0.66
C ARG A 289 -9.06 -10.34 0.51
N TYR A 290 -8.02 -9.97 1.26
CA TYR A 290 -7.60 -10.77 2.41
C TYR A 290 -8.67 -10.77 3.48
N GLY A 291 -9.23 -9.60 3.73
CA GLY A 291 -10.27 -9.46 4.75
C GLY A 291 -11.48 -10.33 4.45
N PHE A 292 -11.92 -10.38 3.18
CA PHE A 292 -13.08 -11.21 2.83
C PHE A 292 -12.76 -12.70 2.97
N LEU A 293 -11.50 -13.09 2.73
CA LEU A 293 -11.07 -14.47 2.92
C LEU A 293 -11.13 -14.85 4.41
N LEU A 294 -10.67 -13.94 5.29
CA LEU A 294 -10.79 -14.15 6.72
C LEU A 294 -12.23 -14.21 7.13
N MET A 295 -13.11 -13.39 6.54
CA MET A 295 -14.53 -13.36 6.90
C MET A 295 -15.25 -14.67 6.49
N LEU A 296 -14.74 -15.35 5.46
CA LEU A 296 -15.21 -16.66 5.03
C LEU A 296 -14.72 -17.71 6.04
N LYS A 297 -13.44 -17.60 6.45
CA LYS A 297 -12.86 -18.54 7.39
C LYS A 297 -13.45 -18.43 8.77
N TYR A 298 -13.87 -17.25 9.20
CA TYR A 298 -14.43 -17.05 10.53
C TYR A 298 -15.81 -16.44 10.46
N PRO A 299 -16.83 -17.23 10.08
CA PRO A 299 -18.19 -16.68 9.99
C PRO A 299 -18.74 -16.06 11.25
N HIS A 300 -18.30 -16.51 12.44
CA HIS A 300 -18.81 -15.90 13.68
C HIS A 300 -18.31 -14.48 13.85
N VAL A 301 -17.11 -14.16 13.32
CA VAL A 301 -16.60 -12.78 13.34
C VAL A 301 -17.46 -11.95 12.41
N THR A 302 -17.68 -12.45 11.20
CA THR A 302 -18.50 -11.73 10.18
C THR A 302 -19.88 -11.43 10.70
N GLU A 303 -20.47 -12.40 11.35
CA GLU A 303 -21.79 -12.30 12.00
C GLU A 303 -21.80 -11.20 13.03
N ARG A 304 -20.74 -11.13 13.82
CA ARG A 304 -20.67 -10.12 14.85
C ARG A 304 -20.51 -8.70 14.27
N VAL A 305 -19.79 -8.56 13.16
CA VAL A 305 -19.67 -7.27 12.50
C VAL A 305 -21.06 -6.87 11.99
N GLN A 306 -21.77 -7.81 11.36
CA GLN A 306 -23.12 -7.53 10.86
C GLN A 306 -24.07 -7.12 11.99
N LYS A 307 -23.95 -7.72 13.17
CA LYS A 307 -24.78 -7.32 14.32
C LYS A 307 -24.47 -5.88 14.73
N GLU A 308 -23.17 -5.52 14.75
CA GLU A 308 -22.76 -4.17 15.12
C GLU A 308 -23.24 -3.15 14.09
N ILE A 309 -23.18 -3.51 12.79
CA ILE A 309 -23.71 -2.63 11.72
C ILE A 309 -25.21 -2.42 11.97
N GLU A 310 -25.94 -3.49 12.27
CA GLU A 310 -27.37 -3.42 12.52
C GLU A 310 -27.71 -2.54 13.73
N GLN A 311 -26.94 -2.64 14.83
CA GLN A 311 -27.18 -1.84 16.02
C GLN A 311 -26.90 -0.35 15.85
N VAL A 312 -25.79 -0.01 15.19
CA VAL A 312 -25.34 1.37 15.04
C VAL A 312 -25.90 2.07 13.82
N ILE A 313 -25.86 1.40 12.67
CA ILE A 313 -26.25 1.99 11.39
C ILE A 313 -27.66 1.64 11.00
N GLY A 314 -28.01 0.37 11.12
CA GLY A 314 -29.32 -0.10 10.71
C GLY A 314 -29.28 -0.64 9.30
N SER A 315 -30.45 -0.85 8.69
CA SER A 315 -30.52 -1.41 7.35
C SER A 315 -31.00 -0.42 6.32
N HIS A 316 -31.26 0.82 6.70
CA HIS A 316 -31.75 1.78 5.75
C HIS A 316 -30.64 2.67 5.24
N ARG A 317 -30.01 3.46 6.09
CA ARG A 317 -28.97 4.35 5.61
C ARG A 317 -27.64 3.67 5.36
N PRO A 318 -26.83 4.24 4.48
CA PRO A 318 -25.53 3.63 4.21
C PRO A 318 -24.53 4.01 5.29
N PRO A 319 -23.51 3.17 5.47
CA PRO A 319 -22.45 3.51 6.44
C PRO A 319 -21.77 4.84 6.12
N ALA A 320 -21.40 5.59 7.18
CA ALA A 320 -20.70 6.87 7.11
C ALA A 320 -19.49 6.77 8.03
N LEU A 321 -18.45 7.52 7.76
CA LEU A 321 -17.24 7.43 8.57
C LEU A 321 -17.45 7.71 10.09
N ASP A 322 -18.41 8.59 10.46
CA ASP A 322 -18.72 8.88 11.88
C ASP A 322 -19.21 7.65 12.63
N ASP A 323 -19.76 6.65 11.92
CA ASP A 323 -20.22 5.42 12.54
C ASP A 323 -19.08 4.60 13.12
N ARG A 324 -17.84 4.71 12.58
CA ARG A 324 -16.74 3.90 13.06
C ARG A 324 -16.43 4.07 14.54
N ALA A 325 -16.46 5.31 15.04
CA ALA A 325 -16.21 5.59 16.46
C ALA A 325 -17.18 4.83 17.38
N LYS A 326 -18.38 4.45 16.87
CA LYS A 326 -19.38 3.69 17.60
C LYS A 326 -19.36 2.19 17.34
N MET A 327 -18.37 1.69 16.56
CA MET A 327 -18.28 0.29 16.17
C MET A 327 -16.89 -0.23 16.47
N PRO A 328 -16.51 -0.32 17.76
CA PRO A 328 -15.16 -0.78 18.08
C PRO A 328 -14.86 -2.21 17.66
N TYR A 329 -15.87 -3.09 17.65
CA TYR A 329 -15.62 -4.47 17.24
C TYR A 329 -15.19 -4.54 15.77
N THR A 330 -15.95 -3.85 14.90
CA THR A 330 -15.65 -3.79 13.44
C THR A 330 -14.30 -3.13 13.24
N ASP A 331 -14.06 -2.04 13.97
CA ASP A 331 -12.79 -1.32 13.89
C ASP A 331 -11.63 -2.24 14.31
N ALA A 332 -11.79 -3.02 15.39
CA ALA A 332 -10.78 -3.99 15.83
C ALA A 332 -10.53 -5.09 14.78
N VAL A 333 -11.61 -5.54 14.16
CA VAL A 333 -11.53 -6.55 13.09
C VAL A 333 -10.69 -6.04 11.93
N ILE A 334 -10.91 -4.78 11.53
CA ILE A 334 -10.16 -4.18 10.42
C ILE A 334 -8.69 -4.07 10.78
N HIS A 335 -8.38 -3.62 12.01
CA HIS A 335 -6.98 -3.54 12.45
C HIS A 335 -6.32 -4.92 12.35
N GLU A 336 -7.03 -5.93 12.84
CA GLU A 336 -6.53 -7.30 12.84
C GLU A 336 -6.36 -7.85 11.43
N ILE A 337 -7.25 -7.47 10.49
CA ILE A 337 -7.11 -7.86 9.07
C ILE A 337 -5.80 -7.28 8.54
N GLN A 338 -5.52 -5.99 8.83
CA GLN A 338 -4.28 -5.37 8.36
C GLN A 338 -3.05 -5.96 9.01
N ARG A 339 -3.14 -6.25 10.30
CA ARG A 339 -2.00 -6.78 11.04
C ARG A 339 -1.61 -8.18 10.54
N LEU A 340 -2.56 -9.10 10.53
CA LEU A 340 -2.34 -10.47 10.10
C LEU A 340 -2.10 -10.52 8.60
N GLY A 341 -2.74 -9.63 7.83
CA GLY A 341 -2.52 -9.52 6.39
C GLY A 341 -1.08 -9.23 6.08
N ASP A 342 -0.44 -8.32 6.86
CA ASP A 342 0.99 -8.05 6.76
C ASP A 342 1.42 -7.92 5.30
N LEU A 343 0.73 -7.07 4.55
CA LEU A 343 0.92 -6.98 3.11
C LEU A 343 2.21 -6.37 2.64
N ILE A 344 2.89 -5.56 3.43
CA ILE A 344 4.18 -4.95 3.02
C ILE A 344 5.17 -5.42 4.12
N PRO A 345 5.58 -6.70 4.09
CA PRO A 345 6.38 -7.25 5.21
C PRO A 345 7.74 -6.63 5.49
N PHE A 346 8.46 -6.18 4.44
CA PHE A 346 9.77 -5.58 4.57
C PHE A 346 9.72 -4.07 4.51
N GLY A 347 8.53 -3.50 4.51
CA GLY A 347 8.36 -2.07 4.34
C GLY A 347 8.64 -1.67 2.90
N VAL A 348 8.75 -0.38 2.61
CA VAL A 348 9.15 0.15 1.32
C VAL A 348 10.60 0.64 1.60
N PRO A 349 11.62 0.36 0.77
CA PRO A 349 12.99 0.71 1.18
C PRO A 349 13.26 2.16 1.48
N HIS A 350 14.04 2.40 2.54
CA HIS A 350 14.48 3.75 2.90
C HIS A 350 15.94 3.85 2.59
N THR A 351 16.51 5.03 2.83
CA THR A 351 17.94 5.32 2.86
C THR A 351 18.17 6.35 3.98
N VAL A 352 19.40 6.43 4.51
CA VAL A 352 19.74 7.48 5.48
C VAL A 352 20.19 8.69 4.64
N THR A 353 19.74 9.89 5.02
CA THR A 353 20.04 11.13 4.30
C THR A 353 21.38 11.76 4.69
N LYS A 354 22.19 11.07 5.50
CA LYS A 354 23.48 11.54 6.00
C LYS A 354 24.14 10.40 6.72
N ASP A 355 25.44 10.52 7.04
CA ASP A 355 26.14 9.50 7.84
C ASP A 355 25.45 9.57 9.21
N THR A 356 24.86 8.44 9.63
CA THR A 356 24.00 8.38 10.79
C THR A 356 24.54 7.51 11.87
N GLN A 357 24.33 7.92 13.12
CA GLN A 357 24.77 7.12 14.26
C GLN A 357 23.56 6.41 14.78
N PHE A 358 23.60 5.08 14.82
CA PHE A 358 22.45 4.31 15.27
C PHE A 358 22.95 3.18 16.12
N ARG A 359 22.59 3.18 17.42
CA ARG A 359 23.00 2.13 18.36
C ARG A 359 24.52 1.86 18.37
N GLY A 360 25.31 2.93 18.24
CA GLY A 360 26.77 2.82 18.21
C GLY A 360 27.38 2.56 16.86
N TYR A 361 26.55 2.27 15.83
CA TYR A 361 27.04 2.02 14.48
C TYR A 361 26.93 3.28 13.67
N VAL A 362 27.63 3.31 12.55
CA VAL A 362 27.57 4.43 11.61
C VAL A 362 27.00 3.86 10.32
N ILE A 363 25.88 4.42 9.87
CA ILE A 363 25.22 4.02 8.64
C ILE A 363 25.60 5.09 7.67
N PRO A 364 26.49 4.78 6.72
CA PRO A 364 26.91 5.83 5.77
C PRO A 364 25.76 6.44 4.99
N LYS A 365 25.94 7.68 4.60
CA LYS A 365 24.95 8.40 3.82
C LYS A 365 24.56 7.62 2.54
N ASN A 366 23.24 7.57 2.29
CA ASN A 366 22.56 6.89 1.19
C ASN A 366 22.56 5.39 1.31
N THR A 367 22.90 4.83 2.48
CA THR A 367 22.84 3.39 2.65
C THR A 367 21.34 3.04 2.73
N GLU A 368 20.96 1.92 2.12
CA GLU A 368 19.58 1.46 2.09
C GLU A 368 19.19 0.83 3.41
N VAL A 369 17.95 1.06 3.82
CA VAL A 369 17.42 0.57 5.09
C VAL A 369 16.05 -0.08 4.88
N PHE A 370 15.85 -1.27 5.40
CA PHE A 370 14.59 -1.99 5.32
C PHE A 370 13.92 -2.02 6.69
N PRO A 371 12.84 -1.28 6.92
CA PRO A 371 12.11 -1.41 8.19
C PRO A 371 11.15 -2.60 8.04
N VAL A 372 11.50 -3.73 8.69
CA VAL A 372 10.73 -4.97 8.58
C VAL A 372 9.44 -4.84 9.39
N LEU A 373 8.43 -4.19 8.80
CA LEU A 373 7.13 -3.95 9.45
C LEU A 373 6.49 -5.25 9.96
N SER A 374 6.76 -6.37 9.29
CA SER A 374 6.21 -7.66 9.70
C SER A 374 6.63 -8.04 11.13
N SER A 375 7.85 -7.71 11.50
CA SER A 375 8.38 -8.06 12.84
C SER A 375 7.71 -7.24 13.94
N ALA A 376 7.14 -6.06 13.62
CA ALA A 376 6.37 -5.27 14.56
C ALA A 376 4.93 -5.83 14.62
N LEU A 377 4.36 -6.15 13.45
CA LEU A 377 3.01 -6.69 13.34
C LEU A 377 2.84 -8.05 14.00
N HIS A 378 3.93 -8.82 14.15
CA HIS A 378 3.92 -10.12 14.84
C HIS A 378 4.72 -10.09 16.16
N ASP A 379 4.96 -8.88 16.71
CA ASP A 379 5.76 -8.74 17.94
C ASP A 379 5.02 -9.33 19.14
N PRO A 380 5.53 -10.41 19.75
CA PRO A 380 4.85 -10.97 20.93
C PRO A 380 4.76 -10.02 22.14
N ARG A 381 5.51 -8.91 22.17
CA ARG A 381 5.35 -7.94 23.25
C ARG A 381 3.97 -7.29 23.17
N TYR A 382 3.48 -7.05 21.93
CA TYR A 382 2.24 -6.33 21.70
C TYR A 382 1.07 -7.17 21.33
N PHE A 383 1.26 -8.37 20.80
CA PHE A 383 0.15 -9.21 20.37
C PHE A 383 0.26 -10.58 21.05
N GLU A 384 -0.74 -10.97 21.84
CA GLU A 384 -0.77 -12.23 22.59
C GLU A 384 -0.67 -13.46 21.66
N THR A 385 -1.39 -13.48 20.51
CA THR A 385 -1.37 -14.61 19.57
C THR A 385 -0.99 -14.07 18.20
N PRO A 386 0.30 -13.78 17.99
CA PRO A 386 0.72 -13.13 16.74
C PRO A 386 0.33 -13.78 15.41
N ASN A 387 0.25 -15.11 15.39
CA ASN A 387 -0.01 -15.88 14.17
C ASN A 387 -1.47 -16.29 14.03
N THR A 388 -2.35 -15.79 14.90
CA THR A 388 -3.75 -16.16 14.91
C THR A 388 -4.61 -14.91 14.82
N PHE A 389 -5.66 -15.00 14.02
CA PHE A 389 -6.65 -13.95 13.84
C PHE A 389 -7.33 -13.72 15.18
N ASN A 390 -7.18 -12.52 15.73
CA ASN A 390 -7.67 -12.20 17.05
C ASN A 390 -8.04 -10.73 17.20
N PRO A 391 -9.32 -10.38 16.95
CA PRO A 391 -9.76 -8.98 17.17
C PRO A 391 -9.52 -8.44 18.58
N GLY A 392 -9.47 -9.34 19.57
CA GLY A 392 -9.16 -8.97 20.95
C GLY A 392 -7.82 -8.27 21.12
N HIS A 393 -6.92 -8.39 20.14
CA HIS A 393 -5.64 -7.67 20.14
C HIS A 393 -5.85 -6.14 20.19
N PHE A 394 -7.00 -5.64 19.71
CA PHE A 394 -7.32 -4.21 19.65
C PHE A 394 -8.54 -3.82 20.51
N LEU A 395 -8.96 -4.68 21.46
CA LEU A 395 -10.08 -4.40 22.35
C LEU A 395 -9.67 -4.54 23.80
N ASP A 396 -10.08 -3.58 24.64
CA ASP A 396 -9.75 -3.60 26.07
C ASP A 396 -10.85 -4.38 26.84
N ALA A 397 -10.74 -4.48 28.17
CA ALA A 397 -11.71 -5.24 29.00
C ALA A 397 -13.13 -4.68 28.97
N ASN A 398 -13.28 -3.39 28.63
CA ASN A 398 -14.59 -2.75 28.52
C ASN A 398 -15.12 -2.77 27.07
N GLY A 399 -14.47 -3.51 26.17
CA GLY A 399 -14.86 -3.60 24.76
C GLY A 399 -14.57 -2.37 23.91
N ALA A 400 -13.79 -1.40 24.42
CA ALA A 400 -13.44 -0.22 23.63
C ALA A 400 -12.21 -0.51 22.80
N LEU A 401 -12.02 0.23 21.70
CA LEU A 401 -10.84 0.07 20.86
C LEU A 401 -9.63 0.53 21.65
N LYS A 402 -8.51 -0.17 21.50
CA LYS A 402 -7.31 0.22 22.19
C LYS A 402 -6.17 0.28 21.24
N ARG A 403 -5.27 1.21 21.57
CA ARG A 403 -4.08 1.49 20.85
C ARG A 403 -3.01 0.49 21.09
N ASN A 404 -2.25 0.13 20.06
CA ASN A 404 -1.19 -0.81 20.09
C ASN A 404 0.04 -0.28 19.34
N GLU A 405 1.15 -0.13 20.06
CA GLU A 405 2.42 0.31 19.49
C GLU A 405 3.00 -0.63 18.41
N GLY A 406 2.63 -1.91 18.42
CA GLY A 406 3.10 -2.83 17.40
C GLY A 406 2.40 -2.63 16.07
N PHE A 407 1.24 -1.93 16.07
CA PHE A 407 0.44 -1.74 14.88
C PHE A 407 1.00 -0.63 13.98
N MET A 408 1.78 -1.00 12.98
CA MET A 408 2.36 -0.04 12.03
C MET A 408 2.28 -0.58 10.58
N PRO A 409 1.10 -1.01 10.08
CA PRO A 409 1.03 -1.50 8.67
C PRO A 409 1.28 -0.43 7.61
N HIS A 410 1.10 0.85 7.97
CA HIS A 410 1.34 1.99 7.12
C HIS A 410 2.70 2.67 7.42
N SER A 411 3.57 1.99 8.17
CA SER A 411 4.90 2.44 8.56
C SER A 411 4.82 3.63 9.57
N LEU A 412 5.90 4.38 9.74
CA LEU A 412 5.98 5.50 10.70
C LEU A 412 6.95 6.57 10.17
N GLY A 413 6.97 7.72 10.84
CA GLY A 413 7.90 8.80 10.53
C GLY A 413 7.53 9.70 9.38
N LYS A 414 8.55 10.36 8.82
CA LYS A 414 8.35 11.34 7.76
C LYS A 414 7.83 10.73 6.46
N ARG A 415 8.13 9.46 6.20
CA ARG A 415 7.66 8.75 5.01
C ARG A 415 6.38 7.92 5.26
N ILE A 416 5.72 8.09 6.43
CA ILE A 416 4.49 7.36 6.73
C ILE A 416 3.53 7.43 5.54
N CYS A 417 2.85 6.31 5.24
CA CYS A 417 1.86 6.24 4.16
C CYS A 417 1.10 7.54 4.00
N LEU A 418 1.26 8.18 2.85
CA LEU A 418 0.59 9.45 2.56
CA LEU A 418 0.59 9.45 2.59
C LEU A 418 -0.93 9.30 2.53
N GLY A 419 -1.41 8.14 2.08
CA GLY A 419 -2.85 7.94 1.98
C GLY A 419 -3.49 7.16 3.11
N GLU A 420 -2.85 7.12 4.30
CA GLU A 420 -3.37 6.31 5.42
C GLU A 420 -4.83 6.58 5.74
N GLY A 421 -5.20 7.84 5.85
CA GLY A 421 -6.58 8.23 6.15
C GLY A 421 -7.56 7.78 5.07
N ILE A 422 -7.13 7.89 3.81
CA ILE A 422 -7.98 7.47 2.67
C ILE A 422 -8.15 5.94 2.72
N ALA A 423 -7.07 5.22 2.92
CA ALA A 423 -7.09 3.74 2.96
C ALA A 423 -7.96 3.23 4.08
N ARG A 424 -7.77 3.80 5.28
CA ARG A 424 -8.57 3.41 6.44
C ARG A 424 -10.05 3.66 6.22
N THR A 425 -10.40 4.75 5.53
CA THR A 425 -11.80 5.10 5.21
C THR A 425 -12.37 4.11 4.19
N GLU A 426 -11.58 3.75 3.18
CA GLU A 426 -11.98 2.75 2.17
C GLU A 426 -12.23 1.42 2.84
N LEU A 427 -11.33 0.98 3.76
CA LEU A 427 -11.54 -0.31 4.47
C LEU A 427 -12.82 -0.28 5.24
N PHE A 428 -13.05 0.76 6.02
CA PHE A 428 -14.28 0.84 6.81
C PHE A 428 -15.54 0.88 5.97
N LEU A 429 -15.61 1.76 4.98
CA LEU A 429 -16.82 1.91 4.18
C LEU A 429 -17.05 0.77 3.24
N PHE A 430 -16.02 0.22 2.62
CA PHE A 430 -16.27 -0.93 1.75
C PHE A 430 -16.64 -2.18 2.52
N PHE A 431 -15.93 -2.51 3.62
CA PHE A 431 -16.28 -3.70 4.40
C PHE A 431 -17.69 -3.60 4.95
N THR A 432 -18.04 -2.48 5.60
CA THR A 432 -19.37 -2.36 6.20
C THR A 432 -20.51 -2.20 5.19
N THR A 433 -20.30 -1.44 4.10
CA THR A 433 -21.38 -1.29 3.10
C THR A 433 -21.68 -2.61 2.45
N ILE A 434 -20.62 -3.40 2.15
CA ILE A 434 -20.84 -4.74 1.57
C ILE A 434 -21.58 -5.62 2.56
N LEU A 435 -21.09 -5.69 3.82
CA LEU A 435 -21.70 -6.59 4.82
C LEU A 435 -23.08 -6.18 5.27
N GLN A 436 -23.39 -4.88 5.20
CA GLN A 436 -24.74 -4.43 5.50
C GLN A 436 -25.72 -5.00 4.47
N ASN A 437 -25.26 -5.15 3.21
CA ASN A 437 -26.12 -5.58 2.09
C ASN A 437 -26.02 -7.02 1.72
N PHE A 438 -24.92 -7.69 2.07
CA PHE A 438 -24.70 -9.08 1.68
C PHE A 438 -24.11 -9.93 2.80
N SER A 439 -24.40 -11.23 2.76
CA SER A 439 -23.74 -12.25 3.57
C SER A 439 -22.88 -12.96 2.56
N ILE A 440 -21.89 -13.69 3.00
CA ILE A 440 -20.97 -14.33 2.06
C ILE A 440 -20.94 -15.83 2.25
N ALA A 441 -20.57 -16.54 1.19
CA ALA A 441 -20.40 -17.99 1.19
C ALA A 441 -19.39 -18.34 0.15
N SER A 442 -18.92 -19.57 0.20
CA SER A 442 -17.90 -20.01 -0.74
C SER A 442 -17.95 -21.55 -0.85
N PRO A 443 -17.44 -22.20 -1.91
CA PRO A 443 -17.51 -23.68 -1.93
C PRO A 443 -16.58 -24.39 -0.95
N VAL A 444 -15.57 -23.69 -0.42
CA VAL A 444 -14.58 -24.25 0.51
C VAL A 444 -15.09 -24.08 1.93
N PRO A 445 -15.24 -25.17 2.70
CA PRO A 445 -15.68 -25.03 4.09
C PRO A 445 -14.67 -24.21 4.90
N PRO A 446 -15.15 -23.43 5.86
CA PRO A 446 -14.27 -22.61 6.70
C PRO A 446 -13.02 -23.28 7.21
N GLU A 447 -13.16 -24.49 7.74
CA GLU A 447 -12.04 -25.31 8.20
C GLU A 447 -11.00 -25.60 7.15
N ASP A 448 -11.39 -25.67 5.86
CA ASP A 448 -10.44 -25.93 4.77
C ASP A 448 -9.82 -24.69 4.15
N ILE A 449 -10.23 -23.49 4.57
CA ILE A 449 -9.65 -22.27 4.03
C ILE A 449 -8.23 -22.06 4.53
N ASP A 450 -7.29 -21.93 3.58
CA ASP A 450 -5.87 -21.73 3.88
C ASP A 450 -5.54 -20.24 3.69
N LEU A 451 -5.10 -19.58 4.76
CA LEU A 451 -4.74 -18.16 4.75
C LEU A 451 -3.27 -17.88 4.43
N THR A 452 -2.48 -18.91 4.10
CA THR A 452 -1.06 -18.75 3.84
C THR A 452 -0.80 -17.94 2.57
N PRO A 453 -0.05 -16.84 2.70
CA PRO A 453 0.25 -16.02 1.52
C PRO A 453 1.43 -16.53 0.75
N ARG A 454 1.59 -15.99 -0.44
CA ARG A 454 2.76 -16.24 -1.26
C ARG A 454 3.60 -14.96 -1.10
N GLU A 455 4.88 -15.11 -0.77
CA GLU A 455 5.74 -13.93 -0.62
C GLU A 455 6.25 -13.52 -1.99
N SER A 456 5.86 -12.33 -2.43
CA SER A 456 6.25 -11.82 -3.73
C SER A 456 7.22 -10.66 -3.58
N GLY A 457 7.57 -10.05 -4.71
CA GLY A 457 8.46 -8.89 -4.75
C GLY A 457 7.94 -7.73 -3.92
N VAL A 458 6.67 -7.38 -4.12
CA VAL A 458 6.04 -6.30 -3.37
C VAL A 458 5.73 -6.73 -1.91
N GLY A 459 4.94 -7.79 -1.72
CA GLY A 459 4.61 -8.24 -0.39
C GLY A 459 3.92 -9.58 -0.33
N ASN A 460 2.97 -9.71 0.61
CA ASN A 460 2.24 -10.95 0.79
C ASN A 460 1.01 -10.96 -0.07
N VAL A 461 0.89 -11.98 -0.92
CA VAL A 461 -0.23 -12.13 -1.86
C VAL A 461 -1.19 -13.21 -1.35
N PRO A 462 -2.42 -12.87 -0.95
CA PRO A 462 -3.37 -13.92 -0.55
C PRO A 462 -3.70 -14.87 -1.69
N PRO A 463 -4.04 -16.14 -1.40
CA PRO A 463 -4.40 -17.07 -2.50
C PRO A 463 -5.69 -16.64 -3.19
N SER A 464 -5.87 -17.03 -4.45
CA SER A 464 -7.09 -16.71 -5.17
C SER A 464 -8.21 -17.56 -4.63
N TYR A 465 -9.44 -17.06 -4.70
CA TYR A 465 -10.57 -17.82 -4.20
C TYR A 465 -11.87 -17.35 -4.82
N GLN A 466 -12.93 -18.15 -4.58
CA GLN A 466 -14.27 -17.87 -5.04
C GLN A 466 -15.12 -17.48 -3.89
N ILE A 467 -16.08 -16.62 -4.16
CA ILE A 467 -17.00 -16.13 -3.16
C ILE A 467 -18.34 -15.82 -3.79
N ARG A 468 -19.40 -15.91 -3.01
CA ARG A 468 -20.73 -15.49 -3.37
C ARG A 468 -21.11 -14.37 -2.45
N PHE A 469 -21.79 -13.35 -2.97
CA PHE A 469 -22.33 -12.23 -2.20
C PHE A 469 -23.84 -12.42 -2.26
N LEU A 470 -24.45 -12.82 -1.13
CA LEU A 470 -25.86 -13.19 -1.03
C LEU A 470 -26.63 -12.06 -0.44
N ALA A 471 -27.51 -11.43 -1.24
CA ALA A 471 -28.28 -10.26 -0.80
C ALA A 471 -29.08 -10.56 0.43
N ARG A 472 -29.16 -9.59 1.36
CA ARG A 472 -29.86 -9.77 2.63
C ARG A 472 -31.26 -9.18 2.58
CHA HEM B . 3.75 4.64 1.36
CHB HEM B . 1.11 1.09 3.27
CHC HEM B . -2.82 2.64 0.91
CHD HEM B . -0.24 6.45 -0.72
C1A HEM B . 3.35 3.50 2.07
C2A HEM B . 4.25 2.70 2.86
C3A HEM B . 3.53 1.74 3.43
C4A HEM B . 2.17 1.92 2.96
CMA HEM B . 4.11 0.57 4.28
CAA HEM B . 5.78 2.92 2.95
CBA HEM B . 6.08 4.10 3.96
CGA HEM B . 7.57 4.14 4.13
O1A HEM B . 8.39 4.49 3.25
O2A HEM B . 8.08 3.78 5.29
C1B HEM B . -0.19 1.21 2.80
C2B HEM B . -1.26 0.30 3.16
C3B HEM B . -2.37 0.65 2.41
C4B HEM B . -1.91 1.86 1.66
CMB HEM B . -1.12 -0.83 4.16
CAB HEM B . -3.78 0.12 2.36
CBB HEM B . -4.31 -0.71 3.28
C1C HEM B . -2.44 3.85 0.27
C2C HEM B . -3.38 4.76 -0.33
C3C HEM B . -2.65 5.83 -0.86
C4C HEM B . -1.28 5.59 -0.40
CMC HEM B . -4.86 4.44 -0.49
CAC HEM B . -3.09 7.03 -1.64
CBC HEM B . -4.35 7.47 -1.76
C1D HEM B . 1.08 6.25 -0.30
C2D HEM B . 2.21 7.13 -0.79
C3D HEM B . 3.31 6.69 -0.15
C4D HEM B . 2.87 5.51 0.68
CMD HEM B . 2.06 8.30 -1.83
CAD HEM B . 4.76 7.19 -0.25
CBD HEM B . 5.07 8.04 1.01
CGD HEM B . 6.33 8.88 0.84
O1D HEM B . 6.41 10.03 1.35
O2D HEM B . 7.31 8.39 0.20
NA HEM B . 2.04 3.06 2.14
NB HEM B . -0.63 2.16 1.94
NC HEM B . -1.17 4.41 0.35
ND HEM B . 1.53 5.27 0.54
FE HEM B . 0.39 3.81 1.36
C7 CM5 C . -5.45 4.07 -15.39
C8 CM5 C . -4.45 3.04 -14.85
C9 CM5 C . -4.73 2.72 -13.40
C10 CM5 C . -6.16 2.27 -13.18
C11 CM5 C . -7.15 3.30 -13.75
C6 CM5 C . -6.89 3.58 -15.23
C5 CM5 C . -7.91 4.58 -15.80
C4 CM5 C . -8.03 4.47 -17.32
C3 CM5 C . -9.31 5.11 -17.88
C2 CM5 C . -9.43 4.81 -19.39
C1 CM5 C . -10.67 5.39 -20.03
O12 CM5 C . -10.41 6.77 -20.25
C13 CM5 C . -11.39 7.34 -21.11
C18 CM5 C . -11.41 8.84 -20.90
O22 CM5 C . -11.64 9.13 -19.52
C17 CM5 C . -12.51 9.43 -21.77
O21 CM5 C . -12.54 10.85 -21.63
O14 CM5 C . -11.12 7.04 -22.47
C15 CM5 C . -12.15 7.51 -23.35
C19 CM5 C . -11.80 7.05 -24.75
O20 CM5 C . -10.54 7.59 -25.16
C16 CM5 C . -12.31 9.03 -23.24
O23 CM5 C . -13.45 9.45 -24.00
H71 CM5 C . -5.25 4.26 -16.45
H72 CM5 C . -5.32 5.02 -14.86
H81 CM5 C . -3.43 3.44 -14.96
H82 CM5 C . -4.52 2.13 -15.44
H91 CM5 C . -4.53 3.61 -12.80
H92 CM5 C . -4.04 1.94 -13.07
H101 CM5 C . -6.34 2.13 -12.12
H102 CM5 C . -6.31 1.31 -13.68
H111 CM5 C . -7.07 4.22 -13.17
H112 CM5 C . -8.16 2.92 -13.63
H6 CM5 C . -7.00 2.63 -15.77
H51 CM5 C . -7.60 5.60 -15.54
H52 CM5 C . -8.88 4.41 -15.34
H41 CM5 C . -8.01 3.43 -17.61
H42 CM5 C . -7.17 4.95 -17.78
H31A CM5 C . -9.30 6.18 -17.73
H32A CM5 C . -10.18 4.71 -17.37
H21A CM5 C . -9.44 3.73 -19.56
H22A CM5 C . -8.57 5.22 -19.90
H11 CM5 C . -11.54 5.24 -19.39
H12 CM5 C . -10.87 4.88 -20.98
H13 CM5 C . -12.38 6.95 -20.84
H18 CM5 C . -10.44 9.26 -21.22
H22 CM5 C . -11.33 10.02 -19.37
H17 CM5 C . -13.47 9.01 -21.43
H21 CM5 C . -12.86 11.26 -22.45
H15 CM5 C . -13.13 7.06 -23.07
H191 CM5 C . -12.58 7.35 -25.45
H192 CM5 C . -11.74 5.96 -24.76
H20 CM5 C . -9.96 7.78 -24.40
H16 CM5 C . -11.40 9.52 -23.61
C7 CM5 D . 3.84 0.46 -4.28
C8 CM5 D . 5.02 1.40 -4.03
C9 CM5 D . 6.03 1.38 -5.18
C10 CM5 D . 6.08 0.01 -5.85
C11 CM5 D . 5.73 -1.10 -4.84
C6 CM5 D . 4.28 -1.00 -4.33
C5 CM5 D . 3.99 -1.75 -3.03
C4 CM5 D . 5.11 -1.78 -1.98
C3 CM5 D . 5.99 -3.02 -2.12
C2 CM5 D . 7.39 -2.85 -1.54
C1 CM5 D . 8.49 -3.36 -2.45
O12 CM5 D . 9.70 -2.75 -2.03
C13 CM5 D . 10.84 -3.58 -1.93
C18 CM5 D . 10.77 -4.49 -0.71
O22 CM5 D . 10.61 -3.70 0.47
C17 CM5 D . 12.02 -5.34 -0.60
O21 CM5 D . 11.93 -6.27 0.47
O14 CM5 D . 11.05 -4.36 -3.11
C15 CM5 D . 12.27 -5.12 -3.06
C19 CM5 D . 12.45 -5.79 -4.41
O20 CM5 D . 11.49 -6.85 -4.59
C16 CM5 D . 12.26 -6.10 -1.89
O23 CM5 D . 13.50 -6.79 -1.82
H71 CM5 D . 3.37 0.74 -5.23
H72 CM5 D . 3.08 0.61 -3.51
H81 CM5 D . 5.53 1.14 -3.11
H82 CM5 D . 4.62 2.40 -3.93
H91 CM5 D . 7.02 1.63 -4.80
H92 CM5 D . 5.75 2.13 -5.93
H101 CM5 D . 7.09 -0.17 -6.23
H102 CM5 D . 5.39 -0.03 -6.69
H111 CM5 D . 6.44 -1.04 -4.03
H112 CM5 D . 5.87 -2.06 -5.34
H6 CM5 D . 3.65 -1.48 -5.10
H51 CM5 D . 3.72 -2.77 -3.28
H52 CM5 D . 3.10 -1.32 -2.56
H41 CM5 D . 4.66 -1.78 -0.99
H42 CM5 D . 5.70 -0.88 -2.06
H31A CM5 D . 6.08 -3.25 -3.17
H32A CM5 D . 5.49 -3.85 -1.63
H21A CM5 D . 7.44 -3.39 -0.59
H22A CM5 D . 7.59 -1.81 -1.33
H11 CM5 D . 8.30 -3.09 -3.50
H12 CM5 D . 8.55 -4.45 -2.40
H13 CM5 D . 11.73 -2.94 -1.83
H18 CM5 D . 9.90 -5.15 -0.81
H22 CM5 D . 9.67 -3.60 0.61
H17 CM5 D . 12.87 -4.67 -0.42
H21 CM5 D . 11.01 -6.56 0.53
H15 CM5 D . 13.12 -4.45 -2.90
H191 CM5 D . 13.46 -6.18 -4.51
H192 CM5 D . 12.32 -5.02 -5.17
H20 CM5 D . 10.66 -6.63 -4.15
H16 CM5 D . 11.44 -6.81 -2.03
C ACT E . 1.86 1.28 -0.65
O ACT E . 1.25 2.38 -0.42
OXT ACT E . 1.32 0.18 -0.83
CH3 ACT E . 3.37 1.30 -0.69
H1 ACT E . 3.74 2.31 -0.55
H2 ACT E . 3.75 0.95 -1.65
H3 ACT E . 3.81 0.66 0.07
C ACT F . -8.69 -21.17 0.12
O ACT F . -9.94 -21.05 -0.01
OXT ACT F . -8.09 -21.98 0.87
CH3 ACT F . -7.80 -20.24 -0.67
H1 ACT F . -8.41 -19.58 -1.29
H2 ACT F . -7.14 -20.78 -1.34
H3 ACT F . -7.20 -19.63 -0.01
C ACT G . -9.74 11.80 -18.10
O ACT G . -9.13 12.88 -17.98
OXT ACT G . -10.87 11.71 -18.54
CH3 ACT G . -9.02 10.51 -17.68
H1 ACT G . -9.66 9.65 -17.84
H2 ACT G . -8.77 10.54 -16.62
H3 ACT G . -8.10 10.36 -18.23
C ACT H . 14.61 13.02 1.93
O ACT H . 15.70 13.16 1.35
OXT ACT H . 13.75 12.18 1.64
CH3 ACT H . 14.28 14.01 3.04
H1 ACT H . 15.10 14.71 3.19
H2 ACT H . 14.10 13.51 3.99
H3 ACT H . 13.39 14.59 2.82
C ACT I . -9.66 16.12 -4.43
O ACT I . -10.46 15.98 -5.39
OXT ACT I . -9.96 15.96 -3.22
CH3 ACT I . -8.22 16.50 -4.77
H1 ACT I . -8.11 16.67 -5.84
H2 ACT I . -7.53 15.73 -4.47
H3 ACT I . -7.91 17.42 -4.27
C ACT J . -7.77 10.78 -22.60
O ACT J . -8.65 11.66 -22.56
OXT ACT J . -7.50 10.05 -23.58
CH3 ACT J . -6.94 10.61 -21.34
H1 ACT J . -6.19 9.84 -21.49
H2 ACT J . -7.56 10.34 -20.49
H3 ACT J . -6.42 11.52 -21.10
C ACT K . -0.42 12.89 6.75
O ACT K . 0.78 12.76 6.86
OXT ACT K . -1.13 12.31 5.90
CH3 ACT K . -1.13 13.87 7.67
H1 ACT K . -0.42 14.34 8.35
H2 ACT K . -1.89 13.35 8.27
H3 ACT K . -1.61 14.65 7.10
C ACT L . -17.03 -13.86 18.26
O ACT L . -16.55 -12.88 18.88
OXT ACT L . -18.20 -14.31 18.38
CH3 ACT L . -16.10 -14.59 17.29
H1 ACT L . -16.62 -15.41 16.82
H2 ACT L . -15.23 -14.99 17.80
H3 ACT L . -15.75 -13.92 16.50
C1 GOL M . 0.32 2.49 10.74
O1 GOL M . 1.69 2.66 10.49
C2 GOL M . -0.15 3.31 11.90
O2 GOL M . -0.04 4.68 11.58
C3 GOL M . -1.59 2.94 12.15
O3 GOL M . -2.22 2.51 10.94
H11 GOL M . 0.12 1.44 10.92
H12 GOL M . -0.25 2.76 9.86
HO1 GOL M . 1.85 3.64 10.40
H2 GOL M . 0.47 3.20 12.79
HO2 GOL M . -0.88 4.98 11.12
H31 GOL M . -2.14 3.77 12.60
H32 GOL M . -1.62 2.14 12.86
HO3 GOL M . -2.29 3.29 10.33
C1 GOL N . -11.14 -22.57 11.83
O1 GOL N . -10.20 -22.97 10.83
C2 GOL N . -12.24 -21.73 11.21
O2 GOL N . -12.73 -22.41 10.06
C3 GOL N . -13.36 -21.47 12.17
O3 GOL N . -14.52 -20.99 11.49
H11 GOL N . -10.63 -22.00 12.62
H12 GOL N . -11.55 -23.45 12.32
HO1 GOL N . -9.50 -23.51 11.28
H2 GOL N . -11.83 -20.81 10.82
HO2 GOL N . -13.73 -22.49 10.14
H31 GOL N . -13.05 -20.73 12.91
H32 GOL N . -13.62 -22.36 12.73
HO3 GOL N . -14.22 -20.32 10.81
C1 GOL O . -11.02 15.92 -17.47
O1 GOL O . -11.00 16.35 -18.83
C2 GOL O . -12.44 15.61 -17.04
O2 GOL O . -12.78 14.27 -17.42
C3 GOL O . -12.53 15.77 -15.54
O3 GOL O . -13.75 15.24 -15.04
H11 GOL O . -10.59 16.68 -16.84
H12 GOL O . -10.41 15.03 -17.35
HO1 GOL O . -10.04 16.51 -19.03
H2 GOL O . -13.16 16.23 -17.55
HO2 GOL O . -13.44 13.90 -16.78
H31 GOL O . -12.42 16.82 -15.27
H32 GOL O . -11.68 15.28 -15.08
HO3 GOL O . -13.74 15.38 -14.05
C1 GOL P . -2.91 4.51 -24.37
O1 GOL P . -1.79 5.15 -23.75
C2 GOL P . -4.18 5.26 -24.13
O2 GOL P . -4.03 6.63 -24.57
C3 GOL P . -5.36 4.64 -24.83
O3 GOL P . -6.57 5.31 -24.53
H11 GOL P . -3.00 3.48 -24.02
H12 GOL P . -2.72 4.45 -25.44
HO1 GOL P . -1.58 4.65 -22.93
H2 GOL P . -4.39 5.36 -23.06
HO2 GOL P . -4.51 7.24 -23.96
H31 GOL P . -5.44 3.59 -24.52
H32 GOL P . -5.19 4.62 -25.90
HO3 GOL P . -7.30 4.84 -25.01
C1 GOL Q . -16.60 -13.65 -16.53
O1 GOL Q . -17.23 -13.21 -15.34
C2 GOL Q . -15.41 -14.54 -16.23
O2 GOL Q . -15.86 -15.77 -15.63
C3 GOL Q . -14.66 -14.84 -17.50
O3 GOL Q . -14.32 -13.63 -18.19
H11 GOL Q . -16.29 -12.79 -17.13
H12 GOL Q . -17.28 -14.20 -17.16
HO1 GOL Q . -17.99 -12.63 -15.61
H2 GOL Q . -14.75 -14.11 -15.48
HO2 GOL Q . -15.09 -16.35 -15.46
H31 GOL Q . -15.29 -15.48 -18.13
H32 GOL Q . -13.77 -15.41 -17.28
HO3 GOL Q . -13.82 -13.89 -19.01
C1 GOL R . -3.04 2.03 16.39
O1 GOL R . -1.73 2.20 16.91
C2 GOL R . -3.74 0.94 17.15
O2 GOL R . -3.61 1.30 18.49
C3 GOL R . -5.21 0.76 16.90
O3 GOL R . -5.99 0.60 18.09
H11 GOL R . -3.04 1.81 15.34
H12 GOL R . -3.57 2.97 16.51
HO1 GOL R . -1.36 1.33 17.20
H2 GOL R . -3.22 -0.01 17.08
HO2 GOL R . -4.47 1.74 18.69
H31 GOL R . -5.31 -0.16 16.35
H32 GOL R . -5.59 1.61 16.36
HO3 GOL R . -5.60 -0.14 18.61
#